data_5W56
#
_entry.id   5W56
#
_cell.length_a   61.469
_cell.length_b   106.261
_cell.length_c   61.672
_cell.angle_alpha   90.00
_cell.angle_beta   110.98
_cell.angle_gamma   90.00
#
_symmetry.space_group_name_H-M   'P 1 21 1'
#
loop_
_entity.id
_entity.type
_entity.pdbx_description
1 polymer 'Periplasmic solute binding protein'
2 non-polymer GLYCEROL
3 non-polymer 'SODIUM ION'
4 water water
#
_entity_poly.entity_id   1
_entity_poly.type   'polypeptide(L)'
_entity_poly.pdbx_seq_one_letter_code
;AEPLDVVATFSIIGDFAAKVGGDRIRLNVLVGPDSDTHVYEPRPADAIALAGADVVLTNGLEFEGFLTRLIAASGTDAAV
ATLTDGVETMEEPGGGHYHYIDGKAVFHAGAHDPHAWQAVPNAKVYVQNIAAAFCAADAEGCAAYQANAARYIGELDALD
TEIRAAIAALPQDRRTVVVAHNAFRYFEAAYGVHFLSPQGVSTESEAAAADVAGLIREIRARNASAIFAENISDTRLLEQ
IAREAGLPLAGTLYSDALSGPDGPASNYIAMMRHNAGAIAAALAAR
;
_entity_poly.pdbx_strand_id   A,B
#
loop_
_chem_comp.id
_chem_comp.type
_chem_comp.name
_chem_comp.formula
GOL non-polymer GLYCEROL 'C3 H8 O3'
NA non-polymer 'SODIUM ION' 'Na 1'
#
# COMPACT_ATOMS: atom_id res chain seq x y z
N GLU A 2 17.14 28.67 29.42
CA GLU A 2 17.54 28.05 30.72
C GLU A 2 19.06 27.92 30.95
N PRO A 3 19.85 27.46 29.94
CA PRO A 3 19.50 26.94 28.61
C PRO A 3 18.72 25.64 28.73
N LEU A 4 17.85 25.41 27.75
CA LEU A 4 17.19 24.11 27.56
C LEU A 4 18.25 23.11 27.04
N ASP A 5 18.46 21.98 27.76
CA ASP A 5 19.44 20.95 27.40
C ASP A 5 18.74 19.94 26.53
N VAL A 6 19.18 19.90 25.26
CA VAL A 6 18.54 19.11 24.20
C VAL A 6 19.52 18.07 23.72
N VAL A 7 19.04 16.82 23.57
CA VAL A 7 19.87 15.79 22.96
C VAL A 7 19.11 15.35 21.74
N ALA A 8 19.84 15.27 20.65
CA ALA A 8 19.33 14.73 19.40
C ALA A 8 20.11 13.48 19.04
N THR A 9 19.43 12.47 18.51
CA THR A 9 20.06 11.16 18.32
C THR A 9 21.06 11.21 17.20
N PHE A 10 20.80 12.04 16.17
CA PHE A 10 21.74 12.02 15.01
C PHE A 10 21.73 13.35 14.27
N SER A 11 22.67 13.52 13.34
CA SER A 11 23.02 14.88 12.79
C SER A 11 21.86 15.61 12.14
N ILE A 12 21.01 14.89 11.42
CA ILE A 12 19.97 15.57 10.62
C ILE A 12 18.96 16.24 11.56
N ILE A 13 18.53 15.50 12.56
CA ILE A 13 17.70 16.03 13.69
C ILE A 13 18.38 17.09 14.48
N GLY A 14 19.67 16.91 14.69
CA GLY A 14 20.47 17.95 15.27
C GLY A 14 20.36 19.31 14.54
N ASP A 15 20.43 19.28 13.22
CA ASP A 15 20.34 20.50 12.42
C ASP A 15 18.98 21.14 12.72
N PHE A 16 17.93 20.37 12.62
CA PHE A 16 16.58 20.86 12.94
C PHE A 16 16.47 21.49 14.33
N ALA A 17 17.03 20.80 15.31
CA ALA A 17 17.04 21.29 16.64
C ALA A 17 17.69 22.63 16.73
N ALA A 18 18.82 22.78 16.06
CA ALA A 18 19.60 24.00 16.15
C ALA A 18 18.83 25.09 15.51
N LYS A 19 18.14 24.79 14.42
CA LYS A 19 17.35 25.82 13.73
C LYS A 19 16.18 26.29 14.62
N VAL A 20 15.53 25.37 15.29
CA VAL A 20 14.43 25.75 16.13
C VAL A 20 14.87 26.42 17.41
N GLY A 21 15.88 25.84 18.06
CA GLY A 21 16.25 26.31 19.36
C GLY A 21 17.05 27.61 19.44
N GLY A 22 17.87 27.86 18.42
CA GLY A 22 18.77 29.01 18.34
C GLY A 22 19.67 29.07 19.55
N ASP A 23 19.83 30.27 20.10
CA ASP A 23 20.70 30.44 21.24
C ASP A 23 20.05 30.00 22.51
N ARG A 24 18.78 29.61 22.53
CA ARG A 24 18.22 29.21 23.81
C ARG A 24 18.62 27.84 24.27
N ILE A 25 19.17 27.01 23.38
CA ILE A 25 19.40 25.60 23.78
C ILE A 25 20.86 25.27 23.87
N ARG A 26 21.19 24.20 24.61
CA ARG A 26 22.48 23.64 24.55
C ARG A 26 22.27 22.24 23.97
N LEU A 27 22.86 22.01 22.80
CA LEU A 27 22.56 20.82 22.00
C LEU A 27 23.68 19.78 22.07
N ASN A 28 23.37 18.53 22.33
CA ASN A 28 24.32 17.47 22.11
C ASN A 28 23.74 16.54 21.12
N VAL A 29 24.56 16.06 20.19
CA VAL A 29 24.11 15.13 19.16
C VAL A 29 24.86 13.81 19.36
N LEU A 30 24.12 12.75 19.47
CA LEU A 30 24.70 11.47 19.86
C LEU A 30 25.53 10.88 18.72
N VAL A 31 24.98 10.82 17.52
CA VAL A 31 25.72 10.29 16.34
C VAL A 31 25.89 11.43 15.37
N GLY A 32 27.14 11.76 15.15
CA GLY A 32 27.53 12.87 14.31
C GLY A 32 27.71 12.49 12.85
N PRO A 33 28.23 13.41 12.04
CA PRO A 33 28.39 13.18 10.62
C PRO A 33 29.36 12.08 10.33
N ASP A 34 29.27 11.53 9.13
CA ASP A 34 30.01 10.34 8.72
C ASP A 34 30.47 9.51 9.94
N SER A 35 29.53 8.72 10.45
CA SER A 35 29.80 7.68 11.44
C SER A 35 29.38 6.39 10.75
N ASP A 36 29.99 5.32 11.23
CA ASP A 36 29.79 4.01 10.63
C ASP A 36 28.65 3.35 11.40
N THR A 37 27.53 4.01 11.34
CA THR A 37 26.34 3.66 12.06
C THR A 37 25.20 3.94 11.08
N HIS A 38 24.11 3.20 11.12
CA HIS A 38 22.94 3.50 10.26
C HIS A 38 21.92 4.29 11.07
N VAL A 39 21.80 5.60 10.77
CA VAL A 39 20.91 6.52 11.49
C VAL A 39 21.41 6.75 12.93
N TYR A 40 21.04 5.87 13.86
CA TYR A 40 21.43 5.98 15.27
C TYR A 40 21.67 4.58 15.79
N GLU A 41 22.65 4.42 16.68
CA GLU A 41 22.84 3.19 17.32
C GLU A 41 23.26 3.45 18.72
N PRO A 42 22.74 2.68 19.63
CA PRO A 42 23.10 2.98 21.02
C PRO A 42 24.56 2.83 21.35
N ARG A 43 25.08 3.76 22.15
CA ARG A 43 26.38 3.60 22.82
C ARG A 43 26.28 4.00 24.27
N PRO A 44 27.00 3.28 25.17
CA PRO A 44 26.90 3.62 26.56
C PRO A 44 27.18 5.12 26.90
N ALA A 45 28.11 5.76 26.17
CA ALA A 45 28.50 7.16 26.47
C ALA A 45 27.33 8.08 26.21
N ASP A 46 26.30 7.61 25.52
CA ASP A 46 25.07 8.38 25.31
C ASP A 46 24.49 8.79 26.67
N ALA A 47 24.69 7.96 27.71
CA ALA A 47 24.28 8.26 29.05
C ALA A 47 24.68 9.64 29.57
N ILE A 48 25.91 10.03 29.27
CA ILE A 48 26.50 11.27 29.81
C ILE A 48 25.62 12.42 29.29
N ALA A 49 25.26 12.40 28.00
CA ALA A 49 24.41 13.46 27.43
C ALA A 49 23.00 13.35 27.95
N LEU A 50 22.43 12.16 27.96
CA LEU A 50 21.04 11.98 28.38
C LEU A 50 20.79 12.36 29.82
N ALA A 51 21.80 12.16 30.66
CA ALA A 51 21.61 12.36 32.07
C ALA A 51 21.30 13.85 32.39
N GLY A 52 22.00 14.80 31.77
CA GLY A 52 21.65 16.21 31.92
C GLY A 52 20.39 16.73 31.18
N ALA A 53 19.71 15.90 30.39
CA ALA A 53 18.79 16.42 29.37
C ALA A 53 17.42 16.90 29.85
N ASP A 54 16.96 17.97 29.22
CA ASP A 54 15.55 18.35 29.29
C ASP A 54 14.67 17.74 28.22
N VAL A 55 15.11 17.72 26.95
N VAL A 55 15.19 17.61 26.99
CA VAL A 55 14.29 17.09 25.92
CA VAL A 55 14.39 17.08 25.89
C VAL A 55 15.23 16.26 25.02
C VAL A 55 15.30 16.20 25.05
N VAL A 56 14.77 15.09 24.57
CA VAL A 56 15.56 14.15 23.80
C VAL A 56 14.75 14.00 22.53
N LEU A 57 15.37 14.19 21.39
CA LEU A 57 14.68 14.16 20.09
C LEU A 57 15.15 12.90 19.40
N THR A 58 14.19 12.11 18.93
CA THR A 58 14.44 10.83 18.30
C THR A 58 13.66 10.75 17.04
N ASN A 59 14.10 9.84 16.19
CA ASN A 59 13.44 9.62 14.96
C ASN A 59 12.16 8.81 15.13
N GLY A 60 12.15 7.86 16.00
CA GLY A 60 11.14 6.81 15.81
C GLY A 60 11.21 5.94 16.99
N LEU A 61 10.58 4.79 16.95
CA LEU A 61 10.45 3.99 18.21
C LEU A 61 11.58 2.94 18.45
N GLU A 62 12.46 2.75 17.44
CA GLU A 62 13.42 1.61 17.35
C GLU A 62 14.25 1.37 18.63
N PHE A 63 14.95 2.40 19.10
CA PHE A 63 15.81 2.34 20.29
C PHE A 63 15.30 3.23 21.41
N GLU A 64 14.03 3.58 21.37
CA GLU A 64 13.48 4.37 22.45
C GLU A 64 13.51 3.60 23.76
N GLY A 65 13.63 2.27 23.69
CA GLY A 65 13.83 1.47 24.86
C GLY A 65 15.14 1.83 25.57
N PHE A 66 16.22 1.76 24.82
CA PHE A 66 17.52 2.09 25.34
C PHE A 66 17.53 3.52 25.92
N LEU A 67 16.99 4.45 25.17
CA LEU A 67 17.05 5.87 25.60
C LEU A 67 16.24 6.08 26.88
N THR A 68 15.06 5.51 26.91
CA THR A 68 14.24 5.75 28.07
C THR A 68 14.73 4.95 29.27
N ARG A 69 15.44 3.84 29.05
CA ARG A 69 16.02 3.12 30.20
C ARG A 69 17.16 3.89 30.77
N LEU A 70 17.95 4.51 29.91
CA LEU A 70 19.03 5.37 30.45
C LEU A 70 18.48 6.63 31.15
N ILE A 71 17.50 7.30 30.56
CA ILE A 71 16.83 8.41 31.25
C ILE A 71 16.31 8.00 32.71
N ALA A 72 15.51 6.94 32.81
CA ALA A 72 15.07 6.40 34.12
C ALA A 72 16.25 6.21 35.05
N ALA A 73 17.30 5.55 34.55
CA ALA A 73 18.45 5.29 35.46
C ALA A 73 19.07 6.57 35.96
N SER A 74 19.03 7.65 35.16
CA SER A 74 19.64 8.89 35.61
C SER A 74 18.82 9.59 36.70
N GLY A 75 17.54 9.27 36.78
CA GLY A 75 16.61 10.03 37.60
C GLY A 75 16.29 11.39 37.03
N THR A 76 16.31 11.53 35.71
CA THR A 76 16.27 12.83 35.02
C THR A 76 14.90 13.33 34.75
N ASP A 77 13.99 12.54 34.25
CA ASP A 77 12.73 13.22 33.87
C ASP A 77 12.95 14.16 32.63
N ALA A 78 13.17 13.60 31.45
CA ALA A 78 13.34 14.36 30.21
C ALA A 78 12.19 13.96 29.39
N ALA A 79 11.68 14.87 28.59
CA ALA A 79 10.64 14.55 27.66
C ALA A 79 11.34 13.95 26.41
N VAL A 80 10.90 12.78 25.97
CA VAL A 80 11.35 12.17 24.72
C VAL A 80 10.38 12.46 23.65
N ALA A 81 10.80 13.21 22.63
CA ALA A 81 9.95 13.47 21.48
C ALA A 81 10.31 12.58 20.29
N THR A 82 9.33 11.81 19.84
CA THR A 82 9.41 11.01 18.67
C THR A 82 8.99 11.83 17.49
N LEU A 83 9.94 12.20 16.64
CA LEU A 83 9.65 13.23 15.66
C LEU A 83 8.83 12.77 14.46
N THR A 84 8.75 11.46 14.24
CA THR A 84 7.89 10.90 13.23
C THR A 84 6.41 10.87 13.65
N ASP A 85 6.08 11.26 14.87
CA ASP A 85 4.63 11.37 15.24
C ASP A 85 3.95 12.28 14.28
N GLY A 86 2.89 11.82 13.63
CA GLY A 86 2.25 12.67 12.65
C GLY A 86 2.87 12.61 11.26
N VAL A 87 3.93 11.83 11.05
CA VAL A 87 4.42 11.61 9.70
C VAL A 87 3.81 10.29 9.21
N GLU A 88 3.31 10.28 7.99
CA GLU A 88 2.86 9.02 7.38
C GLU A 88 4.08 8.20 6.98
N THR A 89 4.46 7.33 7.87
CA THR A 89 5.60 6.48 7.70
C THR A 89 5.24 5.29 6.79
N MET A 90 6.21 4.74 6.06
CA MET A 90 6.02 3.62 5.12
C MET A 90 6.66 2.37 5.71
N GLU A 91 6.14 1.19 5.40
CA GLU A 91 6.72 -0.06 5.91
C GLU A 91 7.93 -0.44 5.10
N GLU A 92 8.82 -1.25 5.63
CA GLU A 92 9.94 -1.74 4.82
C GLU A 92 9.39 -2.70 3.78
N PRO A 93 10.00 -2.75 2.58
CA PRO A 93 9.50 -3.65 1.54
C PRO A 93 9.28 -5.07 2.10
N GLY A 94 8.08 -5.62 1.88
CA GLY A 94 7.69 -6.94 2.37
C GLY A 94 7.28 -7.03 3.83
N GLY A 95 7.32 -5.92 4.56
CA GLY A 95 7.22 -5.96 6.04
C GLY A 95 5.97 -6.55 6.72
N GLY A 96 4.83 -6.57 6.00
CA GLY A 96 3.50 -6.84 6.60
C GLY A 96 3.20 -8.14 7.37
N HIS A 97 2.26 -8.93 6.85
CA HIS A 97 1.81 -10.21 7.46
C HIS A 97 0.57 -10.07 8.41
N TYR A 98 -0.32 -11.07 8.36
CA TYR A 98 -1.56 -11.07 9.16
C TYR A 98 -1.53 -12.16 10.26
N HIS A 99 -2.15 -11.87 11.40
CA HIS A 99 -2.24 -12.80 12.52
C HIS A 99 -3.71 -12.94 12.91
N TYR A 100 -4.16 -14.17 13.08
CA TYR A 100 -5.58 -14.48 13.34
C TYR A 100 -6.13 -14.32 14.76
N ILE A 101 -5.77 -13.24 15.44
CA ILE A 101 -6.22 -12.97 16.83
C ILE A 101 -7.52 -13.62 17.34
N ASP A 102 -8.69 -13.01 17.14
CA ASP A 102 -9.92 -13.55 17.72
C ASP A 102 -10.97 -13.89 16.66
N GLY A 103 -10.53 -14.55 15.59
CA GLY A 103 -11.33 -14.73 14.39
C GLY A 103 -10.88 -13.86 13.22
N LYS A 104 -10.44 -12.60 13.49
CA LYS A 104 -10.04 -11.66 12.41
C LYS A 104 -8.55 -11.78 12.05
N ALA A 105 -8.26 -11.74 10.75
CA ALA A 105 -6.91 -11.65 10.26
C ALA A 105 -6.43 -10.21 10.44
N VAL A 106 -5.69 -9.98 11.52
CA VAL A 106 -5.14 -8.67 11.86
C VAL A 106 -3.78 -8.41 11.20
N PHE A 107 -3.66 -7.29 10.50
CA PHE A 107 -2.41 -6.96 9.83
C PHE A 107 -1.41 -6.50 10.91
N HIS A 108 -0.14 -6.91 10.78
CA HIS A 108 0.93 -6.43 11.66
C HIS A 108 2.02 -5.76 10.84
N ALA A 109 2.19 -4.46 11.12
CA ALA A 109 3.01 -3.56 10.33
C ALA A 109 4.43 -4.08 10.15
N GLY A 110 5.11 -4.32 11.26
CA GLY A 110 6.50 -4.78 11.21
C GLY A 110 7.49 -3.87 10.46
N ALA A 111 8.17 -3.00 11.23
CA ALA A 111 9.43 -2.34 10.80
C ALA A 111 9.21 -1.28 9.67
N HIS A 112 9.09 -0.04 10.12
CA HIS A 112 8.93 1.10 9.22
C HIS A 112 10.24 1.65 8.68
N ASP A 113 10.18 2.23 7.49
CA ASP A 113 11.37 2.71 6.87
C ASP A 113 11.68 4.03 7.67
N PRO A 114 12.85 4.11 8.25
CA PRO A 114 13.14 5.27 9.06
C PRO A 114 13.45 6.60 8.28
N HIS A 115 13.64 6.56 6.95
CA HIS A 115 14.31 7.68 6.23
C HIS A 115 13.34 8.78 5.81
N ALA A 116 12.49 9.19 6.72
CA ALA A 116 11.32 10.00 6.35
C ALA A 116 11.67 11.44 5.93
N TRP A 117 12.82 11.90 6.42
CA TRP A 117 13.33 13.23 6.08
C TRP A 117 13.61 13.47 4.59
N GLN A 118 13.71 12.40 3.78
CA GLN A 118 14.02 12.55 2.37
C GLN A 118 12.87 13.15 1.57
N ALA A 119 11.69 13.30 2.18
CA ALA A 119 10.58 14.05 1.64
C ALA A 119 10.49 15.32 2.45
N VAL A 120 10.65 16.46 1.78
CA VAL A 120 10.74 17.72 2.56
C VAL A 120 9.46 18.07 3.34
N PRO A 121 8.27 17.72 2.84
CA PRO A 121 7.07 17.92 3.70
C PRO A 121 7.15 17.15 5.02
N ASN A 122 7.88 16.04 5.07
CA ASN A 122 8.08 15.37 6.31
C ASN A 122 9.03 16.13 7.21
N ALA A 123 10.08 16.69 6.65
CA ALA A 123 10.96 17.50 7.50
C ALA A 123 10.20 18.69 8.20
N LYS A 124 9.16 19.21 7.55
CA LYS A 124 8.31 20.28 8.21
C LYS A 124 7.66 19.78 9.46
N VAL A 125 7.21 18.53 9.42
CA VAL A 125 6.56 17.95 10.58
C VAL A 125 7.58 17.70 11.67
N TYR A 126 8.75 17.23 11.30
CA TYR A 126 9.80 17.09 12.30
C TYR A 126 10.01 18.41 13.04
N VAL A 127 10.14 19.48 12.27
CA VAL A 127 10.48 20.78 12.79
C VAL A 127 9.31 21.27 13.68
N GLN A 128 8.10 21.10 13.21
CA GLN A 128 6.92 21.42 14.00
C GLN A 128 6.86 20.65 15.33
N ASN A 129 7.24 19.35 15.31
CA ASN A 129 7.34 18.55 16.52
C ASN A 129 8.43 18.94 17.45
N ILE A 130 9.54 19.35 16.89
CA ILE A 130 10.56 19.86 17.74
C ILE A 130 10.09 21.18 18.48
N ALA A 131 9.56 22.15 17.75
CA ALA A 131 9.10 23.41 18.37
C ALA A 131 8.08 23.17 19.44
N ALA A 132 7.22 22.20 19.19
CA ALA A 132 6.26 21.73 20.20
C ALA A 132 6.84 21.16 21.40
N ALA A 133 7.86 20.34 21.24
CA ALA A 133 8.50 19.79 22.40
C ALA A 133 9.32 20.82 23.21
N PHE A 134 9.90 21.80 22.52
CA PHE A 134 10.71 22.77 23.22
C PHE A 134 9.71 23.72 23.92
N CYS A 135 8.75 24.23 23.12
CA CYS A 135 7.69 25.17 23.56
C CYS A 135 7.12 24.63 24.87
N ALA A 136 6.89 23.34 24.86
CA ALA A 136 6.47 22.57 26.04
C ALA A 136 7.34 22.45 27.23
N ALA A 137 8.62 22.29 27.02
CA ALA A 137 9.50 22.06 28.15
C ALA A 137 9.95 23.44 28.71
N ASP A 138 9.70 24.51 27.98
CA ASP A 138 10.28 25.82 28.23
C ASP A 138 9.30 26.86 27.69
N ALA A 139 8.24 27.01 28.48
CA ALA A 139 7.11 27.84 28.17
C ALA A 139 7.52 29.26 27.82
N GLU A 140 8.49 29.80 28.51
CA GLU A 140 8.99 31.13 28.22
C GLU A 140 9.63 31.23 26.88
N GLY A 141 10.27 30.18 26.38
CA GLY A 141 10.92 30.29 25.04
C GLY A 141 10.01 30.08 23.85
N CYS A 142 8.73 29.84 24.12
CA CYS A 142 7.84 29.30 23.10
C CYS A 142 7.69 30.20 21.92
N ALA A 143 7.57 31.51 22.12
CA ALA A 143 7.48 32.42 20.99
C ALA A 143 8.73 32.41 20.15
N ALA A 144 9.89 32.26 20.76
CA ALA A 144 11.10 32.26 19.97
C ALA A 144 11.17 30.93 19.16
N TYR A 145 10.93 29.80 19.80
CA TYR A 145 11.05 28.51 19.12
C TYR A 145 10.14 28.51 17.93
N GLN A 146 9.00 29.10 18.16
CA GLN A 146 7.91 29.04 17.23
C GLN A 146 8.15 29.98 16.11
N ALA A 147 8.71 31.16 16.38
CA ALA A 147 9.14 31.98 15.27
C ALA A 147 10.35 31.35 14.51
N ASN A 148 11.28 30.75 15.22
CA ASN A 148 12.40 30.05 14.50
C ASN A 148 11.85 28.96 13.56
N ALA A 149 10.88 28.21 14.06
CA ALA A 149 10.28 27.13 13.32
C ALA A 149 9.56 27.62 12.13
N ALA A 150 8.75 28.66 12.29
CA ALA A 150 8.02 29.20 11.14
C ALA A 150 8.96 29.70 10.04
N ARG A 151 10.04 30.35 10.40
CA ARG A 151 10.93 30.85 9.37
C ARG A 151 11.67 29.65 8.65
N TYR A 152 12.12 28.66 9.40
CA TYR A 152 12.81 27.52 8.76
C TYR A 152 11.85 26.78 7.94
N ILE A 153 10.60 26.69 8.42
CA ILE A 153 9.61 25.93 7.62
C ILE A 153 9.33 26.66 6.28
N GLY A 154 9.36 27.99 6.30
CA GLY A 154 9.27 28.78 5.03
C GLY A 154 10.43 28.44 4.10
N GLU A 155 11.63 28.29 4.63
CA GLU A 155 12.72 27.90 3.75
C GLU A 155 12.55 26.48 3.24
N LEU A 156 11.98 25.58 4.05
CA LEU A 156 11.81 24.19 3.60
C LEU A 156 10.80 24.18 2.48
N ASP A 157 9.82 25.04 2.63
CA ASP A 157 8.78 25.13 1.60
C ASP A 157 9.36 25.55 0.21
N ALA A 158 10.21 26.57 0.22
CA ALA A 158 10.94 26.98 -0.96
C ALA A 158 11.81 25.79 -1.48
N LEU A 159 12.48 25.07 -0.59
CA LEU A 159 13.28 23.90 -1.03
C LEU A 159 12.41 22.85 -1.69
N ASP A 160 11.25 22.56 -1.09
CA ASP A 160 10.40 21.54 -1.66
C ASP A 160 9.91 21.95 -3.07
N THR A 161 9.59 23.22 -3.23
CA THR A 161 9.21 23.73 -4.57
C THR A 161 10.38 23.64 -5.54
N GLU A 162 11.59 24.00 -5.09
CA GLU A 162 12.76 23.92 -5.99
C GLU A 162 13.01 22.51 -6.45
N ILE A 163 12.87 21.53 -5.53
CA ILE A 163 13.09 20.13 -5.91
C ILE A 163 12.05 19.73 -6.96
N ARG A 164 10.80 20.09 -6.69
CA ARG A 164 9.72 19.72 -7.64
C ARG A 164 9.94 20.38 -9.02
N ALA A 165 10.39 21.62 -9.04
CA ALA A 165 10.63 22.31 -10.32
C ALA A 165 11.79 21.66 -11.07
N ALA A 166 12.82 21.19 -10.37
CA ALA A 166 13.92 20.50 -11.06
C ALA A 166 13.45 19.20 -11.73
N ILE A 167 12.79 18.36 -10.96
CA ILE A 167 12.33 17.04 -11.43
C ILE A 167 11.29 17.20 -12.60
N ALA A 168 10.37 18.12 -12.46
CA ALA A 168 9.38 18.39 -13.50
C ALA A 168 10.03 18.79 -14.82
N ALA A 169 11.24 19.34 -14.83
CA ALA A 169 11.90 19.67 -16.06
C ALA A 169 12.53 18.47 -16.75
N LEU A 170 12.49 17.28 -16.14
CA LEU A 170 13.19 16.16 -16.72
C LEU A 170 12.28 15.49 -17.72
N PRO A 171 12.85 14.84 -18.73
CA PRO A 171 11.93 14.05 -19.58
C PRO A 171 11.17 12.98 -18.76
N GLN A 172 9.98 12.59 -19.21
CA GLN A 172 9.21 11.63 -18.44
C GLN A 172 9.75 10.22 -18.48
N ASP A 173 10.57 9.89 -19.46
CA ASP A 173 11.07 8.52 -19.60
C ASP A 173 12.45 8.35 -18.96
N ARG A 174 12.94 9.40 -18.30
CA ARG A 174 14.25 9.38 -17.63
C ARG A 174 14.06 9.77 -16.19
N ARG A 175 13.59 8.83 -15.38
CA ARG A 175 13.31 9.14 -13.98
C ARG A 175 13.91 8.12 -13.02
N THR A 176 14.77 7.23 -13.48
CA THR A 176 15.17 6.12 -12.64
C THR A 176 16.63 6.13 -12.38
N VAL A 177 16.98 5.90 -11.12
N VAL A 177 17.02 5.96 -11.11
CA VAL A 177 18.37 5.86 -10.67
CA VAL A 177 18.40 5.76 -10.79
C VAL A 177 18.55 4.61 -9.82
C VAL A 177 18.53 4.53 -9.95
N VAL A 178 19.77 4.15 -9.72
CA VAL A 178 20.08 2.98 -8.98
C VAL A 178 20.94 3.30 -7.79
N VAL A 179 20.70 2.59 -6.69
CA VAL A 179 21.57 2.70 -5.46
C VAL A 179 21.81 1.33 -4.89
N ALA A 180 22.92 1.11 -4.17
CA ALA A 180 23.14 -0.20 -3.54
C ALA A 180 22.24 -0.37 -2.34
N HIS A 181 22.06 0.70 -1.56
CA HIS A 181 21.09 0.65 -0.47
C HIS A 181 20.05 1.76 -0.62
N ASN A 182 18.78 1.40 -0.68
CA ASN A 182 17.77 2.39 -0.93
C ASN A 182 17.28 3.12 0.33
N ALA A 183 17.90 4.25 0.65
CA ALA A 183 17.48 5.14 1.77
C ALA A 183 16.55 6.23 1.29
N PHE A 184 15.98 6.06 0.11
CA PHE A 184 15.40 7.16 -0.65
C PHE A 184 13.96 6.94 -1.01
N ARG A 185 13.27 6.01 -0.33
CA ARG A 185 11.91 5.67 -0.70
C ARG A 185 10.96 6.79 -0.40
N TYR A 186 11.22 7.58 0.63
CA TYR A 186 10.35 8.75 0.81
C TYR A 186 10.60 9.86 -0.25
N PHE A 187 11.80 9.89 -0.87
CA PHE A 187 12.09 10.86 -1.91
C PHE A 187 11.25 10.43 -3.11
N GLU A 188 11.30 9.13 -3.38
CA GLU A 188 10.55 8.52 -4.52
C GLU A 188 9.05 8.73 -4.32
N ALA A 189 8.57 8.63 -3.08
CA ALA A 189 7.11 8.83 -2.82
C ALA A 189 6.70 10.27 -2.98
N ALA A 190 7.55 11.20 -2.59
CA ALA A 190 7.22 12.61 -2.76
C ALA A 190 7.43 13.16 -4.14
N TYR A 191 8.50 12.75 -4.85
CA TYR A 191 8.95 13.46 -6.05
C TYR A 191 8.92 12.53 -7.24
N GLY A 192 9.01 13.07 -8.41
CA GLY A 192 8.78 12.15 -9.54
C GLY A 192 9.93 11.24 -9.97
N VAL A 193 10.66 10.58 -9.04
CA VAL A 193 11.79 9.73 -9.44
C VAL A 193 11.70 8.35 -8.80
N HIS A 194 12.39 7.36 -9.41
CA HIS A 194 12.42 5.95 -8.98
C HIS A 194 13.80 5.50 -8.69
N PHE A 195 13.90 4.78 -7.57
CA PHE A 195 15.17 4.19 -7.16
C PHE A 195 15.06 2.66 -7.24
N LEU A 196 16.01 2.04 -7.91
CA LEU A 196 16.18 0.57 -7.94
C LEU A 196 17.37 0.25 -7.09
N SER A 197 17.27 -0.82 -6.33
CA SER A 197 18.39 -1.31 -5.50
C SER A 197 18.24 -2.82 -5.32
N PRO A 198 19.29 -3.56 -5.00
CA PRO A 198 19.13 -5.00 -4.58
C PRO A 198 18.15 -5.20 -3.39
N GLN A 199 17.13 -6.06 -3.54
CA GLN A 199 16.03 -6.28 -2.56
C GLN A 199 16.32 -7.50 -1.70
N ALA A 210 23.66 -13.80 -6.80
CA ALA A 210 22.86 -14.34 -7.88
C ALA A 210 21.76 -13.34 -8.26
N ASP A 211 21.12 -12.72 -7.28
CA ASP A 211 19.96 -11.81 -7.51
C ASP A 211 20.29 -10.37 -7.99
N VAL A 212 21.53 -10.10 -8.40
CA VAL A 212 21.81 -8.93 -9.23
C VAL A 212 21.12 -9.07 -10.58
N ALA A 213 20.92 -10.30 -11.03
CA ALA A 213 20.31 -10.53 -12.34
C ALA A 213 18.91 -9.92 -12.39
N GLY A 214 18.13 -10.13 -11.32
CA GLY A 214 16.80 -9.53 -11.20
C GLY A 214 16.88 -8.01 -11.36
N LEU A 215 17.64 -7.39 -10.46
CA LEU A 215 17.93 -5.95 -10.58
C LEU A 215 18.38 -5.56 -11.97
N ILE A 216 19.30 -6.31 -12.60
CA ILE A 216 19.80 -5.91 -13.90
C ILE A 216 18.65 -5.89 -14.89
N ARG A 217 17.70 -6.79 -14.74
CA ARG A 217 16.68 -6.83 -15.76
C ARG A 217 15.79 -5.61 -15.65
N GLU A 218 15.39 -5.28 -14.42
CA GLU A 218 14.56 -4.09 -14.18
C GLU A 218 15.27 -2.77 -14.62
N ILE A 219 16.61 -2.80 -14.54
CA ILE A 219 17.46 -1.66 -14.90
C ILE A 219 17.34 -1.46 -16.39
N ARG A 220 17.52 -2.56 -17.14
CA ARG A 220 17.39 -2.52 -18.60
C ARG A 220 15.99 -2.15 -18.98
N ALA A 221 15.01 -2.78 -18.33
CA ALA A 221 13.62 -2.47 -18.56
C ALA A 221 13.24 -1.01 -18.30
N ARG A 222 13.83 -0.35 -17.31
CA ARG A 222 13.48 1.04 -17.03
C ARG A 222 14.43 2.09 -17.62
N ASN A 223 15.40 1.63 -18.40
CA ASN A 223 16.49 2.52 -18.87
C ASN A 223 17.07 3.43 -17.80
N ALA A 224 17.53 2.80 -16.72
CA ALA A 224 18.01 3.57 -15.59
C ALA A 224 19.33 4.25 -16.05
N SER A 225 19.53 5.52 -15.66
CA SER A 225 20.59 6.36 -16.22
C SER A 225 21.89 6.27 -15.46
N ALA A 226 21.80 6.08 -14.16
CA ALA A 226 23.03 6.14 -13.42
C ALA A 226 22.91 5.46 -12.10
N ILE A 227 24.08 5.18 -11.55
CA ILE A 227 24.15 4.70 -10.22
C ILE A 227 24.78 5.73 -9.31
N PHE A 228 24.28 5.80 -8.09
CA PHE A 228 24.82 6.61 -7.03
C PHE A 228 25.31 5.73 -5.90
N ALA A 229 26.45 6.12 -5.36
CA ALA A 229 26.92 5.66 -4.06
C ALA A 229 26.17 6.29 -2.87
N GLU A 230 26.25 5.61 -1.72
CA GLU A 230 25.81 6.20 -0.42
C GLU A 230 26.60 5.43 0.69
N ASN A 231 26.56 5.88 1.95
CA ASN A 231 27.45 5.45 3.05
C ASN A 231 27.02 4.15 3.71
N ILE A 232 25.82 3.70 3.38
CA ILE A 232 25.20 2.62 4.16
C ILE A 232 25.60 1.25 3.58
N SER A 233 25.38 1.05 2.28
CA SER A 233 25.92 -0.13 1.61
C SER A 233 27.44 -0.11 1.60
N ASP A 234 28.01 -1.28 1.39
CA ASP A 234 29.44 -1.48 1.65
C ASP A 234 30.46 -0.86 0.66
N THR A 235 30.19 -0.88 -0.64
CA THR A 235 31.13 -0.42 -1.73
C THR A 235 31.24 -1.48 -2.79
N ARG A 236 31.47 -2.69 -2.31
CA ARG A 236 31.62 -3.84 -3.18
C ARG A 236 30.35 -4.07 -4.02
N LEU A 237 29.18 -4.04 -3.38
CA LEU A 237 27.91 -4.33 -4.05
C LEU A 237 27.68 -3.33 -5.21
N LEU A 238 27.98 -2.07 -4.89
CA LEU A 238 27.85 -0.96 -5.83
C LEU A 238 28.71 -1.24 -7.08
N GLU A 239 29.97 -1.61 -6.86
CA GLU A 239 30.90 -1.84 -7.99
C GLU A 239 30.40 -3.03 -8.84
N GLN A 240 29.95 -4.07 -8.17
CA GLN A 240 29.38 -5.23 -8.89
C GLN A 240 28.30 -4.81 -9.84
N ILE A 241 27.35 -4.02 -9.30
CA ILE A 241 26.14 -3.65 -10.04
C ILE A 241 26.46 -2.78 -11.25
N ALA A 242 27.36 -1.82 -11.08
CA ALA A 242 27.71 -0.90 -12.17
C ALA A 242 28.42 -1.65 -13.28
N ARG A 243 29.32 -2.52 -12.82
CA ARG A 243 30.04 -3.36 -13.74
C ARG A 243 29.05 -4.20 -14.54
N GLU A 244 28.24 -5.00 -13.86
CA GLU A 244 27.29 -5.85 -14.58
C GLU A 244 26.27 -5.06 -15.43
N ALA A 245 25.79 -3.94 -14.88
CA ALA A 245 24.82 -3.13 -15.59
C ALA A 245 25.42 -2.25 -16.66
N GLY A 246 26.69 -1.87 -16.54
CA GLY A 246 27.29 -0.94 -17.51
C GLY A 246 26.65 0.44 -17.39
N LEU A 247 26.44 0.84 -16.14
CA LEU A 247 26.00 2.22 -15.80
C LEU A 247 27.15 3.01 -15.22
N PRO A 248 27.25 4.30 -15.59
CA PRO A 248 28.24 5.18 -15.00
C PRO A 248 27.86 5.55 -13.53
N LEU A 249 28.88 5.72 -12.69
CA LEU A 249 28.73 6.16 -11.29
C LEU A 249 28.65 7.66 -11.29
N ALA A 250 27.49 8.19 -10.94
CA ALA A 250 27.26 9.64 -11.09
C ALA A 250 27.70 10.45 -9.90
N GLY A 251 27.79 9.83 -8.74
CA GLY A 251 28.14 10.56 -7.52
C GLY A 251 27.69 9.83 -6.28
N THR A 252 27.58 10.59 -5.20
CA THR A 252 27.18 10.14 -3.91
C THR A 252 25.92 10.89 -3.46
N LEU A 253 24.96 10.14 -2.92
CA LEU A 253 23.79 10.69 -2.26
C LEU A 253 23.94 10.53 -0.77
N TYR A 254 23.54 11.57 -0.03
CA TYR A 254 23.54 11.60 1.43
C TYR A 254 22.23 11.03 1.92
N SER A 255 22.29 10.02 2.80
CA SER A 255 21.13 9.19 3.16
C SER A 255 20.72 9.47 4.60
N ASP A 256 21.62 9.19 5.55
CA ASP A 256 21.29 9.19 6.96
C ASP A 256 22.11 10.11 7.83
N ALA A 257 22.94 10.93 7.24
CA ALA A 257 23.82 11.76 8.01
C ALA A 257 24.20 12.94 7.16
N LEU A 258 24.36 14.08 7.81
CA LEU A 258 24.93 15.23 7.16
C LEU A 258 26.42 14.91 6.91
N SER A 259 27.05 15.73 6.08
CA SER A 259 28.52 15.76 5.94
C SER A 259 29.09 16.60 7.01
N GLY A 260 30.39 16.56 7.13
CA GLY A 260 31.13 17.53 7.91
C GLY A 260 30.91 18.94 7.40
N PRO A 261 31.33 19.95 8.19
CA PRO A 261 31.01 21.35 7.89
C PRO A 261 31.69 21.91 6.64
N ASP A 262 32.69 21.22 6.11
CA ASP A 262 33.33 21.58 4.85
C ASP A 262 32.89 20.71 3.73
N GLY A 263 31.92 19.83 3.97
CA GLY A 263 31.45 18.90 2.92
C GLY A 263 30.30 19.59 2.20
N PRO A 264 29.67 18.92 1.26
CA PRO A 264 28.56 19.40 0.48
C PRO A 264 27.17 19.27 1.14
N ALA A 265 27.08 18.74 2.36
CA ALA A 265 25.79 18.49 2.98
C ALA A 265 25.87 18.79 4.45
N SER A 266 26.31 20.00 4.74
CA SER A 266 26.61 20.36 6.08
C SER A 266 25.35 20.75 6.87
N ASN A 267 24.20 20.86 6.23
CA ASN A 267 22.95 21.09 6.93
C ASN A 267 21.92 20.40 6.04
N TYR A 268 20.70 20.27 6.53
CA TYR A 268 19.69 19.51 5.80
C TYR A 268 19.34 20.12 4.48
N ILE A 269 19.13 21.42 4.44
CA ILE A 269 18.82 22.10 3.13
C ILE A 269 19.91 21.83 2.10
N ALA A 270 21.17 22.01 2.47
CA ALA A 270 22.23 21.77 1.53
C ALA A 270 22.27 20.28 1.09
N MET A 271 22.03 19.37 2.06
CA MET A 271 21.97 17.98 1.76
C MET A 271 20.96 17.71 0.68
N MET A 272 19.76 18.25 0.87
CA MET A 272 18.67 17.94 -0.09
C MET A 272 18.89 18.61 -1.47
N ARG A 273 19.43 19.84 -1.46
N ARG A 273 19.45 19.82 -1.50
CA ARG A 273 19.87 20.54 -2.69
CA ARG A 273 19.76 20.45 -2.80
C ARG A 273 20.85 19.69 -3.48
C ARG A 273 20.87 19.68 -3.51
N HIS A 274 21.86 19.20 -2.77
CA HIS A 274 22.81 18.26 -3.36
C HIS A 274 22.17 17.02 -3.94
N ASN A 275 21.39 16.30 -3.11
CA ASN A 275 20.82 15.05 -3.62
C ASN A 275 19.96 15.32 -4.81
N ALA A 276 19.08 16.30 -4.68
CA ALA A 276 18.11 16.54 -5.74
C ALA A 276 18.84 17.09 -6.99
N GLY A 277 19.84 17.93 -6.82
CA GLY A 277 20.55 18.47 -7.93
C GLY A 277 21.38 17.41 -8.67
N ALA A 278 22.03 16.55 -7.91
CA ALA A 278 22.85 15.49 -8.53
C ALA A 278 21.98 14.49 -9.28
N ILE A 279 20.87 14.10 -8.67
CA ILE A 279 19.90 13.22 -9.35
C ILE A 279 19.41 13.85 -10.65
N ALA A 280 18.93 15.08 -10.59
CA ALA A 280 18.48 15.76 -11.83
C ALA A 280 19.57 15.90 -12.86
N ALA A 281 20.80 16.18 -12.44
CA ALA A 281 21.88 16.31 -13.40
C ALA A 281 22.11 15.00 -14.17
N ALA A 282 22.09 13.89 -13.43
CA ALA A 282 22.34 12.59 -14.01
C ALA A 282 21.21 12.21 -14.93
N LEU A 283 20.00 12.50 -14.55
CA LEU A 283 18.85 12.19 -15.42
C LEU A 283 18.70 13.13 -16.62
N ALA A 284 19.13 14.37 -16.48
CA ALA A 284 19.04 15.27 -17.59
C ALA A 284 20.02 14.80 -18.70
N ALA A 285 21.15 14.19 -18.36
CA ALA A 285 22.19 13.92 -19.36
C ALA A 285 22.66 12.47 -19.59
N ARG A 286 22.52 11.53 -18.64
CA ARG A 286 23.28 10.23 -18.73
C ARG A 286 22.68 9.23 -19.71
N PRO B 3 -45.60 -11.93 -9.72
CA PRO B 3 -44.21 -12.11 -9.28
C PRO B 3 -43.41 -10.79 -9.38
N LEU B 4 -42.48 -10.61 -8.47
CA LEU B 4 -41.60 -9.45 -8.51
C LEU B 4 -40.58 -9.70 -9.64
N ASP B 5 -40.48 -8.74 -10.57
CA ASP B 5 -39.53 -8.80 -11.71
C ASP B 5 -38.26 -8.16 -11.33
N VAL B 6 -37.24 -8.99 -11.20
CA VAL B 6 -35.94 -8.51 -10.75
C VAL B 6 -34.86 -8.65 -11.77
N VAL B 7 -34.08 -7.58 -11.90
CA VAL B 7 -32.92 -7.62 -12.78
C VAL B 7 -31.67 -7.46 -11.94
N ALA B 8 -30.69 -8.34 -12.15
CA ALA B 8 -29.39 -8.19 -11.53
C ALA B 8 -28.35 -8.03 -12.61
N THR B 9 -27.34 -7.23 -12.35
CA THR B 9 -26.38 -6.86 -13.40
C THR B 9 -25.50 -8.01 -13.81
N PHE B 10 -25.15 -8.90 -12.86
CA PHE B 10 -24.22 -10.02 -13.17
C PHE B 10 -24.40 -11.21 -12.22
N SER B 11 -23.72 -12.30 -12.55
CA SER B 11 -24.07 -13.62 -12.07
C SER B 11 -23.98 -13.74 -10.56
N ILE B 12 -22.98 -13.11 -9.94
CA ILE B 12 -22.83 -13.28 -8.52
C ILE B 12 -24.01 -12.69 -7.74
N ILE B 13 -24.38 -11.46 -8.06
CA ILE B 13 -25.64 -10.82 -7.52
C ILE B 13 -26.89 -11.58 -7.89
N GLY B 14 -26.91 -12.12 -9.09
CA GLY B 14 -27.96 -12.99 -9.53
C GLY B 14 -28.15 -14.18 -8.54
N ASP B 15 -27.05 -14.77 -8.05
CA ASP B 15 -27.16 -15.90 -7.16
C ASP B 15 -27.83 -15.45 -5.86
N PHE B 16 -27.34 -14.37 -5.29
CA PHE B 16 -27.92 -13.79 -4.08
C PHE B 16 -29.40 -13.50 -4.21
N ALA B 17 -29.77 -12.92 -5.34
CA ALA B 17 -31.14 -12.58 -5.63
C ALA B 17 -32.02 -13.79 -5.62
N ALA B 18 -31.51 -14.84 -6.26
CA ALA B 18 -32.28 -16.10 -6.31
C ALA B 18 -32.44 -16.68 -4.93
N LYS B 19 -31.40 -16.59 -4.10
CA LYS B 19 -31.48 -17.16 -2.78
C LYS B 19 -32.50 -16.37 -1.95
N VAL B 20 -32.55 -15.07 -2.12
CA VAL B 20 -33.50 -14.29 -1.31
C VAL B 20 -34.90 -14.40 -1.82
N GLY B 21 -35.06 -14.36 -3.14
CA GLY B 21 -36.38 -14.20 -3.74
C GLY B 21 -37.16 -15.47 -3.89
N GLY B 22 -36.41 -16.58 -4.01
CA GLY B 22 -36.98 -17.93 -4.21
C GLY B 22 -37.96 -17.98 -5.32
N ASP B 23 -39.15 -18.51 -5.06
CA ASP B 23 -40.13 -18.64 -6.12
C ASP B 23 -40.98 -17.41 -6.28
N ARG B 24 -40.84 -16.43 -5.41
CA ARG B 24 -41.62 -15.21 -5.57
C ARG B 24 -41.16 -14.29 -6.71
N ILE B 25 -39.93 -14.47 -7.21
CA ILE B 25 -39.40 -13.53 -8.18
C ILE B 25 -39.25 -14.14 -9.55
N ARG B 26 -39.21 -13.27 -10.56
CA ARG B 26 -38.78 -13.60 -11.89
C ARG B 26 -37.47 -12.79 -12.14
N LEU B 27 -36.39 -13.50 -12.34
CA LEU B 27 -35.02 -12.96 -12.32
C LEU B 27 -34.41 -12.98 -13.72
N ASN B 28 -33.84 -11.85 -14.14
CA ASN B 28 -33.07 -11.77 -15.32
C ASN B 28 -31.71 -11.32 -14.93
N VAL B 29 -30.67 -11.95 -15.47
CA VAL B 29 -29.34 -11.53 -15.16
C VAL B 29 -28.69 -10.97 -16.42
N LEU B 30 -28.10 -9.79 -16.35
CA LEU B 30 -27.66 -9.11 -17.63
C LEU B 30 -26.40 -9.72 -18.14
N VAL B 31 -25.41 -9.88 -17.28
CA VAL B 31 -24.19 -10.51 -17.69
C VAL B 31 -24.06 -11.84 -16.93
N GLY B 32 -24.07 -12.93 -17.69
CA GLY B 32 -23.98 -14.27 -17.13
C GLY B 32 -22.55 -14.80 -16.91
N PRO B 33 -22.44 -16.11 -16.75
CA PRO B 33 -21.19 -16.73 -16.48
C PRO B 33 -20.25 -16.68 -17.65
N ASP B 34 -18.96 -16.96 -17.43
CA ASP B 34 -18.00 -16.98 -18.55
C ASP B 34 -18.22 -15.63 -19.25
N SER B 35 -18.22 -14.58 -18.43
N SER B 35 -18.15 -14.57 -18.47
CA SER B 35 -18.39 -13.21 -18.90
CA SER B 35 -18.40 -13.24 -18.99
C SER B 35 -17.09 -12.74 -19.57
C SER B 35 -17.11 -12.68 -19.55
N ASP B 36 -17.14 -12.22 -20.80
CA ASP B 36 -15.97 -11.53 -21.36
C ASP B 36 -15.74 -10.17 -20.70
N THR B 37 -16.82 -9.55 -20.26
CA THR B 37 -16.74 -8.29 -19.57
C THR B 37 -16.14 -8.43 -18.21
N HIS B 38 -15.83 -7.29 -17.64
CA HIS B 38 -15.32 -7.18 -16.32
C HIS B 38 -16.43 -6.72 -15.39
N VAL B 39 -16.94 -7.62 -14.55
CA VAL B 39 -18.13 -7.39 -13.70
C VAL B 39 -19.42 -7.23 -14.54
N TYR B 40 -19.68 -6.01 -15.03
CA TYR B 40 -20.87 -5.72 -15.80
C TYR B 40 -20.43 -4.69 -16.84
N GLU B 41 -21.03 -4.75 -18.02
CA GLU B 41 -20.85 -3.65 -18.98
C GLU B 41 -22.14 -3.44 -19.71
N PRO B 42 -22.52 -2.21 -20.02
CA PRO B 42 -23.78 -1.96 -20.72
C PRO B 42 -23.89 -2.64 -22.07
N ARG B 43 -25.06 -3.17 -22.36
CA ARG B 43 -25.46 -3.59 -23.68
C ARG B 43 -26.84 -3.11 -23.98
N PRO B 44 -27.11 -2.66 -25.23
CA PRO B 44 -28.45 -2.19 -25.50
C PRO B 44 -29.57 -3.17 -25.21
N ALA B 45 -29.32 -4.48 -25.34
CA ALA B 45 -30.33 -5.47 -25.04
C ALA B 45 -30.67 -5.54 -23.56
N ASP B 46 -29.90 -4.88 -22.71
CA ASP B 46 -30.28 -4.78 -21.33
C ASP B 46 -31.63 -4.13 -21.18
N ALA B 47 -31.97 -3.29 -22.12
CA ALA B 47 -33.19 -2.58 -22.06
C ALA B 47 -34.41 -3.45 -22.01
N ILE B 48 -34.35 -4.57 -22.70
CA ILE B 48 -35.50 -5.47 -22.79
C ILE B 48 -35.84 -5.99 -21.37
N ALA B 49 -34.80 -6.38 -20.63
CA ALA B 49 -34.98 -6.82 -19.26
C ALA B 49 -35.42 -5.68 -18.37
N LEU B 50 -34.73 -4.55 -18.43
CA LEU B 50 -35.02 -3.42 -17.54
C LEU B 50 -36.41 -2.81 -17.72
N ALA B 51 -36.90 -2.88 -18.95
CA ALA B 51 -38.19 -2.26 -19.23
C ALA B 51 -39.30 -2.92 -18.37
N GLY B 52 -39.27 -4.24 -18.18
CA GLY B 52 -40.22 -4.91 -17.27
C GLY B 52 -40.04 -4.75 -15.75
N ALA B 53 -38.90 -4.21 -15.32
CA ALA B 53 -38.48 -4.46 -13.97
C ALA B 53 -39.20 -3.75 -12.87
N ASP B 54 -39.34 -4.47 -11.75
CA ASP B 54 -39.67 -3.86 -10.47
C ASP B 54 -38.44 -3.45 -9.66
N VAL B 55 -37.38 -4.27 -9.64
CA VAL B 55 -36.21 -3.95 -8.78
C VAL B 55 -34.96 -4.26 -9.65
N VAL B 56 -33.96 -3.38 -9.62
CA VAL B 56 -32.71 -3.55 -10.38
C VAL B 56 -31.62 -3.55 -9.36
N LEU B 57 -30.85 -4.65 -9.30
CA LEU B 57 -29.81 -4.86 -8.33
C LEU B 57 -28.46 -4.63 -9.01
N THR B 58 -27.63 -3.77 -8.42
CA THR B 58 -26.36 -3.44 -8.98
C THR B 58 -25.31 -3.47 -7.91
N ASN B 59 -24.08 -3.56 -8.36
CA ASN B 59 -22.94 -3.48 -7.48
C ASN B 59 -22.62 -2.03 -7.11
N GLY B 60 -23.05 -1.09 -7.95
CA GLY B 60 -22.93 0.38 -7.75
C GLY B 60 -21.90 1.06 -8.63
N LEU B 61 -21.31 0.32 -9.58
CA LEU B 61 -20.29 0.82 -10.56
C LEU B 61 -20.64 2.16 -11.28
N GLU B 62 -19.75 2.53 -12.20
CA GLU B 62 -19.97 3.73 -13.01
C GLU B 62 -21.15 3.62 -13.97
N PHE B 63 -21.97 2.57 -13.92
CA PHE B 63 -23.00 2.38 -14.95
C PHE B 63 -24.44 2.60 -14.48
N GLU B 64 -24.65 3.07 -13.27
CA GLU B 64 -26.03 3.37 -12.88
C GLU B 64 -26.64 4.48 -13.73
N GLY B 65 -25.80 5.30 -14.33
CA GLY B 65 -26.25 6.21 -15.35
C GLY B 65 -26.97 5.49 -16.48
N PHE B 66 -26.30 4.49 -17.06
CA PHE B 66 -26.85 3.77 -18.16
C PHE B 66 -28.19 3.14 -17.76
N LEU B 67 -28.19 2.44 -16.62
CA LEU B 67 -29.36 1.71 -16.16
C LEU B 67 -30.50 2.66 -15.90
N THR B 68 -30.18 3.76 -15.25
CA THR B 68 -31.21 4.78 -14.95
C THR B 68 -31.83 5.41 -16.17
N ARG B 69 -30.97 5.72 -17.12
CA ARG B 69 -31.45 6.26 -18.38
C ARG B 69 -32.36 5.32 -19.12
N LEU B 70 -32.03 4.04 -19.14
CA LEU B 70 -32.92 3.07 -19.76
C LEU B 70 -34.22 2.85 -19.03
N ILE B 71 -34.14 2.81 -17.69
CA ILE B 71 -35.33 2.80 -16.87
C ILE B 71 -36.24 4.00 -17.21
N ALA B 72 -35.71 5.20 -17.22
CA ALA B 72 -36.52 6.41 -17.53
C ALA B 72 -37.13 6.36 -18.92
N ALA B 73 -36.37 5.81 -19.87
CA ALA B 73 -36.87 5.68 -21.25
C ALA B 73 -38.03 4.73 -21.37
N SER B 74 -38.03 3.64 -20.61
CA SER B 74 -39.12 2.73 -20.68
C SER B 74 -40.39 3.31 -19.98
N GLY B 75 -40.26 4.34 -19.13
CA GLY B 75 -41.40 4.81 -18.30
C GLY B 75 -41.76 3.83 -17.18
N THR B 76 -40.84 2.94 -16.83
CA THR B 76 -41.05 1.93 -15.80
C THR B 76 -40.73 2.55 -14.48
N ASP B 77 -41.52 2.27 -13.49
CA ASP B 77 -41.16 2.67 -12.14
C ASP B 77 -40.36 1.48 -11.53
N ALA B 78 -39.03 1.59 -11.43
CA ALA B 78 -38.19 0.42 -10.98
C ALA B 78 -37.25 0.95 -9.99
N ALA B 79 -37.13 0.30 -8.85
CA ALA B 79 -36.24 0.82 -7.82
C ALA B 79 -34.85 0.20 -8.10
N VAL B 80 -33.82 1.02 -8.04
CA VAL B 80 -32.45 0.59 -8.28
C VAL B 80 -31.76 0.50 -6.96
N ALA B 81 -31.40 -0.71 -6.55
CA ALA B 81 -30.67 -0.93 -5.32
C ALA B 81 -29.17 -1.09 -5.58
N THR B 82 -28.38 -0.24 -4.93
CA THR B 82 -26.98 -0.34 -5.00
C THR B 82 -26.49 -1.18 -3.86
N LEU B 83 -25.94 -2.36 -4.19
CA LEU B 83 -25.79 -3.36 -3.14
C LEU B 83 -24.59 -3.17 -2.26
N THR B 84 -23.67 -2.32 -2.70
CA THR B 84 -22.55 -1.97 -1.87
C THR B 84 -22.84 -0.87 -0.85
N ASP B 85 -24.06 -0.35 -0.80
CA ASP B 85 -24.49 0.52 0.33
C ASP B 85 -24.27 -0.16 1.67
N GLY B 86 -23.56 0.48 2.56
CA GLY B 86 -23.29 -0.15 3.86
C GLY B 86 -22.05 -1.04 3.81
N VAL B 87 -21.45 -1.26 2.67
CA VAL B 87 -20.22 -2.04 2.66
C VAL B 87 -19.07 -1.02 2.64
N GLU B 88 -18.05 -1.26 3.45
CA GLU B 88 -16.86 -0.40 3.45
C GLU B 88 -16.02 -0.77 2.27
N THR B 89 -16.10 0.01 1.22
CA THR B 89 -15.32 -0.25 0.02
C THR B 89 -13.93 0.39 0.10
N MET B 90 -12.99 -0.19 -0.64
CA MET B 90 -11.56 0.18 -0.66
C MET B 90 -11.31 0.82 -2.00
N GLU B 91 -10.32 1.71 -2.05
CA GLU B 91 -10.08 2.51 -3.23
C GLU B 91 -9.15 1.76 -4.18
N GLU B 92 -9.29 2.06 -5.49
CA GLU B 92 -8.59 1.38 -6.61
C GLU B 92 -9.39 0.19 -7.16
N HIS B 112 -13.47 3.27 -6.68
CA HIS B 112 -13.43 2.20 -5.68
C HIS B 112 -13.32 0.82 -6.26
N ASP B 113 -12.57 -0.05 -5.61
CA ASP B 113 -12.43 -1.46 -6.01
C ASP B 113 -13.81 -2.13 -5.87
N PRO B 114 -14.35 -2.66 -6.97
CA PRO B 114 -15.71 -3.16 -6.93
C PRO B 114 -15.83 -4.61 -6.40
N HIS B 115 -14.71 -5.34 -6.16
CA HIS B 115 -14.74 -6.79 -5.89
C HIS B 115 -15.05 -7.16 -4.42
N ALA B 116 -16.09 -6.55 -3.87
CA ALA B 116 -16.31 -6.58 -2.42
C ALA B 116 -16.78 -7.93 -1.93
N TRP B 117 -17.40 -8.68 -2.84
CA TRP B 117 -17.91 -10.01 -2.55
C TRP B 117 -16.84 -11.03 -2.18
N GLN B 118 -15.58 -10.77 -2.50
CA GLN B 118 -14.53 -11.69 -2.15
C GLN B 118 -14.34 -11.79 -0.64
N ALA B 119 -14.98 -10.89 0.12
CA ALA B 119 -15.01 -11.03 1.54
C ALA B 119 -16.42 -11.46 1.92
N VAL B 120 -16.54 -12.62 2.54
CA VAL B 120 -17.88 -13.14 2.88
C VAL B 120 -18.74 -12.22 3.77
N PRO B 121 -18.16 -11.55 4.77
CA PRO B 121 -18.97 -10.60 5.50
C PRO B 121 -19.58 -9.50 4.59
N ASN B 122 -18.90 -9.11 3.52
CA ASN B 122 -19.54 -8.21 2.57
C ASN B 122 -20.73 -8.86 1.85
N ALA B 123 -20.60 -10.12 1.51
CA ALA B 123 -21.68 -10.75 0.82
C ALA B 123 -22.95 -10.79 1.73
N LYS B 124 -22.80 -10.87 3.04
CA LYS B 124 -24.00 -10.78 3.93
C LYS B 124 -24.74 -9.49 3.78
N VAL B 125 -23.97 -8.44 3.59
CA VAL B 125 -24.54 -7.11 3.43
C VAL B 125 -25.25 -7.02 2.11
N TYR B 126 -24.65 -7.56 1.04
CA TYR B 126 -25.36 -7.60 -0.24
C TYR B 126 -26.74 -8.26 -0.04
N VAL B 127 -26.70 -9.41 0.63
CA VAL B 127 -27.89 -10.21 0.84
C VAL B 127 -28.96 -9.42 1.67
N GLN B 128 -28.55 -8.76 2.74
CA GLN B 128 -29.48 -7.91 3.51
C GLN B 128 -30.06 -6.85 2.68
N ASN B 129 -29.22 -6.19 1.88
CA ASN B 129 -29.69 -5.13 0.96
C ASN B 129 -30.65 -5.61 -0.10
N ILE B 130 -30.43 -6.81 -0.56
CA ILE B 130 -31.38 -7.36 -1.53
C ILE B 130 -32.77 -7.56 -0.84
N ALA B 131 -32.76 -8.15 0.33
CA ALA B 131 -33.99 -8.45 1.12
C ALA B 131 -34.75 -7.20 1.36
N ALA B 132 -34.01 -6.15 1.64
CA ALA B 132 -34.60 -4.86 1.86
C ALA B 132 -35.23 -4.31 0.67
N ALA B 133 -34.53 -4.36 -0.48
CA ALA B 133 -35.07 -3.90 -1.72
C ALA B 133 -36.36 -4.67 -2.09
N PHE B 134 -36.38 -5.96 -1.81
CA PHE B 134 -37.53 -6.74 -2.23
C PHE B 134 -38.79 -6.35 -1.35
N CYS B 135 -38.58 -6.14 -0.06
CA CYS B 135 -39.51 -5.36 0.81
C CYS B 135 -40.07 -4.04 0.35
N ALA B 136 -39.22 -3.07 0.03
CA ALA B 136 -39.66 -1.83 -0.57
C ALA B 136 -40.59 -2.03 -1.75
N ALA B 137 -40.39 -3.11 -2.49
CA ALA B 137 -41.15 -3.31 -3.69
C ALA B 137 -42.38 -4.24 -3.50
N ASP B 138 -42.35 -5.12 -2.53
CA ASP B 138 -43.30 -6.23 -2.41
C ASP B 138 -43.50 -6.51 -0.92
N ALA B 139 -44.29 -5.66 -0.28
CA ALA B 139 -44.48 -5.81 1.19
C ALA B 139 -45.05 -7.18 1.63
N GLU B 140 -45.91 -7.70 0.81
CA GLU B 140 -46.54 -8.97 1.02
C GLU B 140 -45.57 -10.10 1.04
N GLY B 141 -44.51 -10.03 0.22
CA GLY B 141 -43.43 -11.08 0.27
C GLY B 141 -42.38 -10.88 1.34
N CYS B 142 -42.44 -9.70 1.94
CA CYS B 142 -41.35 -9.19 2.72
C CYS B 142 -40.95 -10.21 3.73
N ALA B 143 -41.90 -10.94 4.26
CA ALA B 143 -41.58 -11.97 5.24
C ALA B 143 -40.84 -13.19 4.71
N ALA B 144 -41.22 -13.65 3.53
CA ALA B 144 -40.53 -14.80 2.94
C ALA B 144 -39.08 -14.40 2.56
N TYR B 145 -38.92 -13.16 2.10
CA TYR B 145 -37.62 -12.68 1.62
C TYR B 145 -36.66 -12.62 2.77
N GLN B 146 -37.16 -12.03 3.83
CA GLN B 146 -36.42 -11.95 5.04
C GLN B 146 -36.10 -13.32 5.64
N ALA B 147 -36.99 -14.28 5.58
CA ALA B 147 -36.62 -15.59 6.04
C ALA B 147 -35.55 -16.35 5.13
N ASN B 148 -35.68 -16.21 3.83
CA ASN B 148 -34.65 -16.81 2.90
C ASN B 148 -33.30 -16.14 3.19
N ALA B 149 -33.33 -14.83 3.43
CA ALA B 149 -32.13 -14.08 3.65
C ALA B 149 -31.44 -14.54 4.88
N ALA B 150 -32.20 -14.69 5.96
CA ALA B 150 -31.61 -15.18 7.19
C ALA B 150 -31.03 -16.58 7.05
N ARG B 151 -31.69 -17.48 6.36
CA ARG B 151 -31.15 -18.85 6.24
C ARG B 151 -29.84 -18.79 5.41
N TYR B 152 -29.86 -18.06 4.30
CA TYR B 152 -28.60 -17.94 3.47
C TYR B 152 -27.50 -17.26 4.21
N ILE B 153 -27.83 -16.23 4.98
CA ILE B 153 -26.80 -15.57 5.79
C ILE B 153 -26.16 -16.52 6.83
N GLY B 154 -26.95 -17.40 7.45
CA GLY B 154 -26.36 -18.45 8.32
C GLY B 154 -25.40 -19.35 7.54
N GLU B 155 -25.74 -19.72 6.30
CA GLU B 155 -24.77 -20.51 5.45
C GLU B 155 -23.53 -19.71 5.13
N LEU B 156 -23.69 -18.41 4.88
CA LEU B 156 -22.52 -17.57 4.56
C LEU B 156 -21.68 -17.47 5.79
N ASP B 157 -22.35 -17.41 6.94
CA ASP B 157 -21.58 -17.30 8.20
C ASP B 157 -20.72 -18.56 8.42
N ALA B 158 -21.30 -19.74 8.18
CA ALA B 158 -20.52 -20.99 8.22
C ALA B 158 -19.39 -20.99 7.19
N LEU B 159 -19.64 -20.54 5.97
CA LEU B 159 -18.59 -20.44 4.98
C LEU B 159 -17.44 -19.51 5.47
N ASP B 160 -17.80 -18.37 6.03
CA ASP B 160 -16.78 -17.41 6.42
C ASP B 160 -15.87 -18.05 7.52
N THR B 161 -16.47 -18.79 8.43
CA THR B 161 -15.66 -19.42 9.49
C THR B 161 -14.77 -20.58 8.87
N GLU B 162 -15.30 -21.31 7.91
CA GLU B 162 -14.54 -22.33 7.21
C GLU B 162 -13.32 -21.76 6.53
N ILE B 163 -13.45 -20.59 5.87
CA ILE B 163 -12.33 -20.01 5.16
C ILE B 163 -11.26 -19.62 6.14
N ARG B 164 -11.68 -18.99 7.22
CA ARG B 164 -10.70 -18.55 8.29
C ARG B 164 -10.02 -19.78 8.89
N ALA B 165 -10.74 -20.87 9.11
CA ALA B 165 -10.09 -22.07 9.68
C ALA B 165 -9.06 -22.60 8.71
N ALA B 166 -9.32 -22.57 7.41
CA ALA B 166 -8.33 -23.03 6.44
C ALA B 166 -7.07 -22.17 6.43
N ILE B 167 -7.23 -20.86 6.38
CA ILE B 167 -6.09 -19.95 6.23
C ILE B 167 -5.25 -19.91 7.53
N ALA B 168 -5.92 -19.87 8.68
CA ALA B 168 -5.27 -19.93 9.97
C ALA B 168 -4.41 -21.18 10.18
N ALA B 169 -4.74 -22.28 9.53
CA ALA B 169 -3.98 -23.48 9.62
C ALA B 169 -2.69 -23.45 8.81
N LEU B 170 -2.49 -22.48 7.95
CA LEU B 170 -1.32 -22.44 7.12
C LEU B 170 -0.10 -21.92 7.89
N PRO B 171 1.09 -22.41 7.55
CA PRO B 171 2.30 -21.78 8.09
C PRO B 171 2.24 -20.26 8.00
N GLN B 172 2.72 -19.64 9.06
CA GLN B 172 2.73 -18.19 9.18
C GLN B 172 3.41 -17.45 7.99
N ASP B 173 4.36 -18.12 7.36
CA ASP B 173 5.20 -17.53 6.32
C ASP B 173 4.82 -18.03 4.93
N ARG B 174 3.79 -18.87 4.81
CA ARG B 174 3.28 -19.32 3.52
C ARG B 174 1.89 -18.71 3.26
N ARG B 175 1.90 -17.43 2.86
CA ARG B 175 0.65 -16.66 2.74
C ARG B 175 0.57 -15.84 1.51
N THR B 176 1.41 -16.09 0.50
CA THR B 176 1.50 -15.18 -0.64
C THR B 176 1.29 -15.90 -1.93
N VAL B 177 0.36 -15.40 -2.73
CA VAL B 177 0.21 -15.93 -4.06
C VAL B 177 0.26 -14.82 -5.07
N VAL B 178 0.33 -15.21 -6.34
CA VAL B 178 0.46 -14.26 -7.39
C VAL B 178 -0.67 -14.37 -8.34
N VAL B 179 -1.15 -13.24 -8.84
CA VAL B 179 -2.13 -13.22 -9.92
C VAL B 179 -1.79 -12.08 -10.92
N ALA B 180 -2.22 -12.20 -12.19
CA ALA B 180 -1.99 -11.14 -13.21
C ALA B 180 -2.90 -9.92 -13.04
N HIS B 181 -4.15 -10.17 -12.66
CA HIS B 181 -5.07 -9.13 -12.29
C HIS B 181 -5.65 -9.40 -10.86
N ASN B 182 -5.39 -8.48 -9.96
CA ASN B 182 -5.78 -8.68 -8.58
C ASN B 182 -7.23 -8.27 -8.33
N ALA B 183 -8.14 -9.22 -8.49
CA ALA B 183 -9.56 -9.03 -8.07
C ALA B 183 -9.84 -9.45 -6.63
N PHE B 184 -8.79 -9.58 -5.83
CA PHE B 184 -8.86 -10.29 -4.54
C PHE B 184 -8.45 -9.50 -3.28
N ARG B 185 -8.44 -8.19 -3.43
CA ARG B 185 -8.05 -7.29 -2.33
C ARG B 185 -8.96 -7.38 -1.15
N TYR B 186 -10.26 -7.66 -1.39
CA TYR B 186 -11.14 -7.83 -0.24
C TYR B 186 -10.93 -9.18 0.43
N PHE B 187 -10.44 -10.16 -0.34
CA PHE B 187 -10.12 -11.48 0.22
C PHE B 187 -8.91 -11.32 1.08
N GLU B 188 -7.92 -10.61 0.52
CA GLU B 188 -6.72 -10.32 1.30
C GLU B 188 -7.06 -9.61 2.64
N ALA B 189 -7.86 -8.56 2.55
CA ALA B 189 -8.24 -7.82 3.74
C ALA B 189 -9.03 -8.62 4.76
N ALA B 190 -9.90 -9.54 4.32
CA ALA B 190 -10.66 -10.34 5.27
C ALA B 190 -9.86 -11.48 5.84
N TYR B 191 -9.02 -12.11 5.03
CA TYR B 191 -8.52 -13.46 5.42
C TYR B 191 -7.01 -13.58 5.53
N GLY B 192 -6.29 -12.56 5.07
CA GLY B 192 -4.82 -12.52 5.33
C GLY B 192 -3.94 -13.36 4.42
N VAL B 193 -4.41 -13.59 3.22
CA VAL B 193 -3.56 -14.07 2.16
C VAL B 193 -3.12 -12.82 1.39
N HIS B 194 -1.85 -12.74 1.03
CA HIS B 194 -1.37 -11.68 0.18
C HIS B 194 -1.37 -12.10 -1.28
N PHE B 195 -1.82 -11.18 -2.11
CA PHE B 195 -1.79 -11.33 -3.56
C PHE B 195 -0.82 -10.36 -4.14
N LEU B 196 0.16 -10.87 -4.88
CA LEU B 196 1.05 -10.03 -5.69
C LEU B 196 0.54 -9.96 -7.09
N SER B 197 0.58 -8.78 -7.70
CA SER B 197 0.24 -8.64 -9.13
C SER B 197 0.99 -7.44 -9.73
N PRO B 198 1.12 -7.41 -11.05
CA PRO B 198 1.61 -6.19 -11.70
C PRO B 198 0.49 -5.17 -11.68
N GLN B 199 0.70 -4.05 -10.99
CA GLN B 199 -0.37 -3.07 -10.79
C GLN B 199 -0.68 -2.33 -12.11
N GLY B 200 -1.97 -2.03 -12.32
CA GLY B 200 -2.47 -1.27 -13.47
C GLY B 200 -2.37 -1.88 -14.86
N VAL B 201 -1.96 -3.14 -15.00
CA VAL B 201 -1.55 -3.67 -16.33
C VAL B 201 -2.51 -4.79 -16.84
N SER B 202 -2.28 -6.05 -16.46
CA SER B 202 -3.22 -7.17 -16.76
C SER B 202 -3.36 -7.75 -18.20
N THR B 203 -2.74 -7.15 -19.24
CA THR B 203 -2.59 -7.81 -20.60
C THR B 203 -1.09 -7.75 -21.09
N GLU B 204 -0.62 -8.69 -21.92
CA GLU B 204 0.82 -8.68 -22.34
C GLU B 204 0.97 -7.68 -23.49
N SER B 205 1.70 -6.59 -23.23
CA SER B 205 1.51 -5.31 -23.94
C SER B 205 0.00 -4.98 -23.84
N GLU B 206 -0.46 -4.04 -22.99
CA GLU B 206 0.35 -2.95 -22.35
C GLU B 206 1.13 -3.32 -21.04
N ALA B 207 1.58 -4.58 -20.92
CA ALA B 207 2.62 -4.97 -19.95
C ALA B 207 4.02 -4.49 -20.38
N ALA B 208 4.52 -3.44 -19.71
CA ALA B 208 5.92 -3.03 -19.90
C ALA B 208 6.82 -4.08 -19.30
N ALA B 209 8.02 -4.24 -19.83
CA ALA B 209 9.01 -5.16 -19.24
C ALA B 209 9.21 -4.82 -17.76
N ALA B 210 9.01 -3.55 -17.41
CA ALA B 210 9.25 -3.03 -16.06
C ALA B 210 8.28 -3.57 -15.03
N ASP B 211 7.00 -3.56 -15.42
CA ASP B 211 5.89 -4.11 -14.60
C ASP B 211 6.23 -5.52 -14.12
N VAL B 212 6.57 -6.34 -15.10
CA VAL B 212 6.98 -7.73 -14.95
C VAL B 212 8.32 -7.92 -14.22
N ALA B 213 9.36 -7.19 -14.64
CA ALA B 213 10.66 -7.28 -13.93
C ALA B 213 10.43 -7.02 -12.44
N GLY B 214 9.69 -5.95 -12.13
CA GLY B 214 9.38 -5.59 -10.76
C GLY B 214 8.71 -6.75 -10.06
N LEU B 215 7.65 -7.26 -10.68
CA LEU B 215 6.91 -8.40 -10.08
C LEU B 215 7.79 -9.61 -9.86
N ILE B 216 8.65 -9.94 -10.85
CA ILE B 216 9.44 -11.17 -10.73
C ILE B 216 10.37 -11.04 -9.55
N ARG B 217 10.81 -9.82 -9.34
CA ARG B 217 11.72 -9.57 -8.26
C ARG B 217 10.97 -9.72 -6.96
N GLU B 218 9.76 -9.20 -6.92
CA GLU B 218 9.02 -9.21 -5.67
C GLU B 218 8.61 -10.65 -5.31
N ILE B 219 8.30 -11.45 -6.32
CA ILE B 219 8.01 -12.88 -6.12
C ILE B 219 9.22 -13.58 -5.42
N ARG B 220 10.41 -13.29 -5.93
CA ARG B 220 11.69 -13.79 -5.35
C ARG B 220 11.85 -13.29 -3.90
N ALA B 221 11.72 -11.98 -3.72
CA ALA B 221 11.81 -11.37 -2.41
C ALA B 221 10.86 -12.00 -1.45
N ARG B 222 9.56 -11.96 -1.74
CA ARG B 222 8.58 -12.41 -0.76
C ARG B 222 8.34 -13.92 -0.74
N ASN B 223 9.18 -14.70 -1.43
CA ASN B 223 8.98 -16.17 -1.58
C ASN B 223 7.56 -16.64 -1.88
N ALA B 224 6.97 -16.18 -2.97
CA ALA B 224 5.59 -16.56 -3.26
C ALA B 224 5.57 -17.98 -3.80
N SER B 225 4.53 -18.72 -3.44
CA SER B 225 4.52 -20.16 -3.64
C SER B 225 3.87 -20.48 -4.97
N ALA B 226 2.89 -19.69 -5.35
CA ALA B 226 2.08 -20.10 -6.46
C ALA B 226 1.39 -18.99 -7.21
N ILE B 227 1.12 -19.31 -8.47
CA ILE B 227 0.49 -18.42 -9.39
C ILE B 227 -0.88 -19.00 -9.75
N PHE B 228 -1.89 -18.14 -9.72
CA PHE B 228 -3.26 -18.47 -10.17
C PHE B 228 -3.67 -17.67 -11.38
N ALA B 229 -4.27 -18.38 -12.32
CA ALA B 229 -4.98 -17.71 -13.40
C ALA B 229 -6.32 -17.16 -12.93
N GLU B 230 -6.83 -16.20 -13.71
CA GLU B 230 -8.21 -15.72 -13.53
C GLU B 230 -8.67 -15.13 -14.90
N ASN B 231 -9.93 -14.77 -15.07
CA ASN B 231 -10.49 -14.45 -16.39
C ASN B 231 -10.34 -13.01 -16.83
N ILE B 232 -9.92 -12.13 -15.94
CA ILE B 232 -9.93 -10.71 -16.25
C ILE B 232 -8.67 -10.38 -17.06
N SER B 233 -7.53 -10.76 -16.53
CA SER B 233 -6.31 -10.70 -17.33
C SER B 233 -6.40 -11.63 -18.54
N ASP B 234 -5.45 -11.46 -19.45
CA ASP B 234 -5.29 -12.40 -20.55
C ASP B 234 -4.41 -13.52 -20.12
N THR B 235 -4.29 -14.51 -20.99
CA THR B 235 -3.43 -15.66 -20.73
C THR B 235 -1.95 -15.39 -20.83
N ARG B 236 -1.53 -14.63 -21.86
CA ARG B 236 -0.11 -14.53 -22.16
C ARG B 236 0.71 -13.87 -21.04
N LEU B 237 0.16 -12.79 -20.45
CA LEU B 237 0.85 -12.10 -19.33
C LEU B 237 1.17 -13.08 -18.23
N LEU B 238 0.15 -13.79 -17.78
CA LEU B 238 0.42 -14.81 -16.76
C LEU B 238 1.41 -15.92 -17.17
N GLU B 239 1.31 -16.42 -18.39
CA GLU B 239 2.30 -17.45 -18.81
C GLU B 239 3.76 -16.91 -18.73
N GLN B 240 3.92 -15.66 -19.16
CA GLN B 240 5.16 -14.94 -19.11
C GLN B 240 5.65 -14.89 -17.67
N ILE B 241 4.75 -14.48 -16.80
CA ILE B 241 5.12 -14.35 -15.39
C ILE B 241 5.56 -15.70 -14.86
N ALA B 242 4.78 -16.72 -15.15
CA ALA B 242 5.06 -18.05 -14.61
C ALA B 242 6.40 -18.59 -15.13
N ARG B 243 6.56 -18.46 -16.45
CA ARG B 243 7.82 -18.84 -17.10
C ARG B 243 8.98 -18.13 -16.44
N GLU B 244 8.94 -16.81 -16.45
CA GLU B 244 10.09 -16.09 -15.98
C GLU B 244 10.33 -16.32 -14.47
N ALA B 245 9.27 -16.45 -13.67
CA ALA B 245 9.44 -16.61 -12.21
C ALA B 245 9.82 -18.03 -11.76
N GLY B 246 9.85 -18.99 -12.67
CA GLY B 246 9.95 -20.42 -12.30
C GLY B 246 8.91 -20.77 -11.24
N LEU B 247 7.64 -20.42 -11.46
CA LEU B 247 6.60 -20.79 -10.46
C LEU B 247 5.53 -21.63 -11.07
N PRO B 248 5.03 -22.59 -10.27
CA PRO B 248 3.98 -23.47 -10.79
C PRO B 248 2.63 -22.74 -10.81
N LEU B 249 1.93 -22.93 -11.95
CA LEU B 249 0.52 -22.54 -12.14
C LEU B 249 -0.34 -23.47 -11.33
N ALA B 250 -0.89 -22.94 -10.25
CA ALA B 250 -1.58 -23.78 -9.31
C ALA B 250 -2.99 -24.08 -9.71
N GLY B 251 -3.63 -23.19 -10.44
CA GLY B 251 -5.05 -23.34 -10.73
C GLY B 251 -5.61 -22.05 -11.24
N THR B 252 -6.95 -21.97 -11.19
CA THR B 252 -7.73 -20.77 -11.56
C THR B 252 -8.66 -20.32 -10.36
N LEU B 253 -8.66 -19.04 -10.04
CA LEU B 253 -9.56 -18.40 -9.12
C LEU B 253 -10.63 -17.71 -9.86
N TYR B 254 -11.84 -17.76 -9.30
CA TYR B 254 -12.98 -17.06 -9.83
C TYR B 254 -13.04 -15.70 -9.21
N SER B 255 -13.19 -14.69 -10.06
CA SER B 255 -13.04 -13.30 -9.64
C SER B 255 -14.34 -12.51 -9.70
N ASP B 256 -14.95 -12.39 -10.90
CA ASP B 256 -16.11 -11.52 -11.14
C ASP B 256 -17.33 -12.22 -11.71
N ALA B 257 -17.27 -13.52 -11.76
CA ALA B 257 -18.33 -14.24 -12.37
C ALA B 257 -18.36 -15.64 -11.78
N LEU B 258 -19.57 -16.20 -11.67
CA LEU B 258 -19.73 -17.64 -11.44
C LEU B 258 -19.33 -18.36 -12.77
N SER B 259 -19.08 -19.65 -12.62
CA SER B 259 -18.88 -20.59 -13.70
C SER B 259 -20.23 -20.99 -14.16
N GLY B 260 -20.27 -21.79 -15.17
CA GLY B 260 -21.54 -22.32 -15.57
C GLY B 260 -21.95 -23.41 -14.58
N PRO B 261 -23.18 -23.95 -14.73
CA PRO B 261 -23.77 -25.02 -13.88
C PRO B 261 -22.96 -26.30 -13.71
N ASP B 262 -22.13 -26.62 -14.72
CA ASP B 262 -21.23 -27.77 -14.67
C ASP B 262 -19.95 -27.51 -13.95
N GLY B 263 -19.55 -26.24 -13.85
CA GLY B 263 -18.16 -25.88 -13.46
C GLY B 263 -18.04 -25.92 -11.96
N PRO B 264 -16.93 -25.49 -11.44
CA PRO B 264 -16.75 -25.67 -10.01
C PRO B 264 -17.21 -24.45 -9.17
N ALA B 265 -17.87 -23.47 -9.77
CA ALA B 265 -18.21 -22.25 -9.06
C ALA B 265 -19.60 -21.82 -9.49
N SER B 266 -20.53 -22.75 -9.41
CA SER B 266 -21.82 -22.52 -9.99
C SER B 266 -22.75 -21.72 -9.09
N ASN B 267 -22.31 -21.35 -7.90
CA ASN B 267 -23.03 -20.47 -6.99
C ASN B 267 -21.93 -19.84 -6.13
N TYR B 268 -22.26 -18.77 -5.45
CA TYR B 268 -21.30 -17.99 -4.67
C TYR B 268 -20.56 -18.82 -3.60
N ILE B 269 -21.30 -19.61 -2.87
CA ILE B 269 -20.69 -20.45 -1.83
C ILE B 269 -19.67 -21.42 -2.50
N ALA B 270 -20.01 -22.07 -3.58
CA ALA B 270 -19.04 -22.97 -4.23
C ALA B 270 -17.86 -22.24 -4.79
N MET B 271 -18.14 -21.08 -5.43
CA MET B 271 -17.07 -20.25 -5.86
C MET B 271 -16.06 -19.95 -4.74
N MET B 272 -16.57 -19.48 -3.63
CA MET B 272 -15.63 -19.11 -2.54
C MET B 272 -14.93 -20.34 -1.90
N ARG B 273 -15.61 -21.47 -1.86
CA ARG B 273 -15.00 -22.70 -1.31
C ARG B 273 -13.84 -23.13 -2.20
N HIS B 274 -14.09 -23.10 -3.50
CA HIS B 274 -13.04 -23.34 -4.47
C HIS B 274 -11.88 -22.38 -4.32
N ASN B 275 -12.15 -21.08 -4.30
CA ASN B 275 -11.05 -20.14 -4.25
C ASN B 275 -10.20 -20.37 -2.99
N ALA B 276 -10.88 -20.44 -1.85
CA ALA B 276 -10.17 -20.53 -0.58
C ALA B 276 -9.44 -21.90 -0.43
N GLY B 277 -10.08 -22.94 -0.91
CA GLY B 277 -9.52 -24.28 -0.93
C GLY B 277 -8.31 -24.40 -1.86
N ALA B 278 -8.42 -23.87 -3.09
CA ALA B 278 -7.27 -23.87 -4.02
C ALA B 278 -6.08 -23.10 -3.43
N ILE B 279 -6.37 -21.95 -2.86
CA ILE B 279 -5.33 -21.08 -2.30
C ILE B 279 -4.65 -21.82 -1.13
N ALA B 280 -5.47 -22.40 -0.29
CA ALA B 280 -4.93 -23.08 0.88
C ALA B 280 -4.15 -24.33 0.49
N ALA B 281 -4.58 -25.04 -0.54
CA ALA B 281 -3.84 -26.22 -0.99
C ALA B 281 -2.47 -25.83 -1.51
N ALA B 282 -2.41 -24.77 -2.31
CA ALA B 282 -1.18 -24.35 -2.92
C ALA B 282 -0.24 -23.87 -1.88
N LEU B 283 -0.77 -23.18 -0.89
CA LEU B 283 0.09 -22.68 0.15
C LEU B 283 0.50 -23.72 1.16
N ALA B 284 -0.33 -24.72 1.37
CA ALA B 284 0.06 -25.73 2.36
C ALA B 284 1.28 -26.55 1.86
N ALA B 285 1.51 -26.65 0.53
CA ALA B 285 2.44 -27.63 -0.08
C ALA B 285 3.63 -27.10 -0.93
N ARG B 286 3.46 -25.99 -1.68
CA ARG B 286 4.44 -25.55 -2.71
C ARG B 286 5.65 -24.78 -2.17
C1 GOL C . 23.30 25.50 -0.71
O1 GOL C . 21.99 25.42 -0.15
C2 GOL C . 24.19 24.28 -0.49
O2 GOL C . 24.36 23.44 -1.65
C3 GOL C . 25.59 24.65 0.00
O3 GOL C . 26.48 23.61 -0.42
C1 GOL D . 16.33 7.43 17.29
O1 GOL D . 16.62 8.48 16.36
C2 GOL D . 15.11 6.61 16.96
O2 GOL D . 15.32 6.17 15.60
C3 GOL D . 14.91 5.49 18.01
O3 GOL D . 15.72 4.31 17.79
NA NA E . 25.28 6.28 8.34
C1 GOL F . -18.97 -26.41 -2.43
O1 GOL F . -20.00 -26.32 -1.46
C2 GOL F . -19.31 -27.25 -3.64
O2 GOL F . -20.57 -26.86 -4.22
C3 GOL F . -18.13 -27.15 -4.61
O3 GOL F . -18.43 -27.82 -5.84
C1 GOL G . -23.79 -0.17 -11.59
O1 GOL G . -23.20 0.91 -12.35
C2 GOL G . -23.02 -1.51 -11.68
O2 GOL G . -22.41 -1.87 -10.44
C3 GOL G . -23.84 -2.74 -11.97
O3 GOL G . -23.46 -3.80 -11.11
NA NA H . -15.41 -11.27 -16.28
#